data_4TMP
#
_entry.id   4TMP
#
_cell.length_a   42.537
_cell.length_b   195.704
_cell.length_c   106.675
_cell.angle_alpha   90.000
_cell.angle_beta   90.000
_cell.angle_gamma   90.000
#
_symmetry.space_group_name_H-M   'C 2 2 21'
#
loop_
_entity.id
_entity.type
_entity.pdbx_description
1 polymer 'Protein AF-9'
2 polymer ALA-ARG-THR-LYS-GLN-THR-ALA-ARG-ALY-SER-THR
3 non-polymer 1,2-ETHANEDIOL
4 water water
#
loop_
_entity_poly.entity_id
_entity_poly.type
_entity_poly.pdbx_seq_one_letter_code
_entity_poly.pdbx_strand_id
1 'polypeptide(L)'
;GSHMASSCAVQVKLELGHRAQVRKKPTVEGFTHDWMVFVRGPEHSNIQHFVEKVVFHLHESFPRPKRVCKDPPYKVEESG
YAGFILPIEVYFKNKEEPRKVRFDYDLFLHLEGHPPVNHLRCEKLTFNNPTEDFRRKLLKA
;
A,C
2 'polypeptide(L)' ARTKQTAR(ALY)ST B,D
#
loop_
_chem_comp.id
_chem_comp.type
_chem_comp.name
_chem_comp.formula
EDO non-polymer 1,2-ETHANEDIOL 'C2 H6 O2'
#
# COMPACT_ATOMS: atom_id res chain seq x y z
N MET A 4 16.29 -0.99 -1.02
CA MET A 4 15.22 -0.22 -0.35
C MET A 4 14.55 -1.03 0.77
N ALA A 5 14.36 -0.39 1.91
CA ALA A 5 13.56 -0.97 2.98
C ALA A 5 12.07 -0.88 2.71
N SER A 6 11.69 -0.06 1.72
CA SER A 6 10.30 0.34 1.57
C SER A 6 9.59 -0.32 0.38
N SER A 7 8.28 -0.45 0.52
CA SER A 7 7.43 -1.08 -0.44
C SER A 7 6.09 -0.38 -0.34
N CYS A 8 5.37 -0.34 -1.47
CA CYS A 8 4.12 0.42 -1.59
C CYS A 8 3.04 -0.41 -2.27
N ALA A 9 1.85 -0.42 -1.70
CA ALA A 9 0.65 -0.85 -2.45
C ALA A 9 -0.34 0.30 -2.54
N VAL A 10 -0.74 0.66 -3.75
CA VAL A 10 -1.70 1.75 -3.95
C VAL A 10 -3.04 1.24 -4.45
N GLN A 11 -4.09 1.73 -3.82
CA GLN A 11 -5.43 1.36 -4.23
C GLN A 11 -6.19 2.56 -4.77
N VAL A 12 -6.84 2.39 -5.91
CA VAL A 12 -7.71 3.43 -6.45
C VAL A 12 -9.09 2.85 -6.76
N LYS A 13 -10.10 3.67 -6.52
CA LYS A 13 -11.49 3.28 -6.73
C LYS A 13 -12.03 3.89 -8.01
N LEU A 14 -12.66 3.06 -8.85
CA LEU A 14 -13.42 3.52 -10.00
C LEU A 14 -14.92 3.25 -9.83
N GLU A 15 -15.74 4.11 -10.44
CA GLU A 15 -17.16 3.82 -10.57
C GLU A 15 -17.51 3.67 -12.07
N LEU A 16 -18.06 2.51 -12.41
CA LEU A 16 -18.66 2.22 -13.69
C LEU A 16 -20.17 2.33 -13.50
N GLY A 17 -20.90 2.91 -14.43
CA GLY A 17 -22.34 2.94 -14.30
C GLY A 17 -23.07 3.34 -15.56
N HIS A 18 -24.39 3.27 -15.51
CA HIS A 18 -25.19 3.75 -16.62
C HIS A 18 -26.60 4.15 -16.20
N ARG A 19 -27.16 5.04 -17.01
CA ARG A 19 -28.56 5.40 -16.94
C ARG A 19 -29.20 5.01 -18.27
N ALA A 20 -30.44 4.54 -18.18
CA ALA A 20 -31.20 4.13 -19.33
C ALA A 20 -32.66 4.48 -19.12
N GLN A 21 -33.20 5.21 -20.07
CA GLN A 21 -34.59 5.67 -19.97
C GLN A 21 -35.40 5.43 -21.25
N VAL A 22 -36.63 4.97 -21.08
CA VAL A 22 -37.57 4.86 -22.21
C VAL A 22 -37.89 6.23 -22.78
N ARG A 23 -37.69 6.41 -24.09
CA ARG A 23 -38.07 7.65 -24.75
C ARG A 23 -39.59 7.87 -24.79
N LYS A 24 -40.00 9.14 -24.78
CA LYS A 24 -41.41 9.48 -24.95
C LYS A 24 -41.86 9.01 -26.33
N LYS A 25 -41.04 9.29 -27.35
CA LYS A 25 -41.26 8.75 -28.69
C LYS A 25 -40.04 8.00 -29.27
N PRO A 26 -40.24 6.75 -29.72
CA PRO A 26 -39.17 6.03 -30.42
C PRO A 26 -38.54 6.79 -31.57
N THR A 27 -37.31 6.45 -31.93
CA THR A 27 -36.64 7.08 -33.04
C THR A 27 -37.11 6.37 -34.29
N VAL A 28 -36.64 6.83 -35.43
CA VAL A 28 -37.06 6.25 -36.69
C VAL A 28 -36.51 4.83 -36.89
N GLU A 29 -35.34 4.56 -36.30
CA GLU A 29 -34.75 3.22 -36.42
C GLU A 29 -35.52 2.25 -35.57
N GLY A 30 -36.39 2.78 -34.72
CA GLY A 30 -37.04 2.01 -33.67
C GLY A 30 -36.20 1.84 -32.42
N PHE A 31 -35.36 2.84 -32.11
CA PHE A 31 -34.67 2.88 -30.82
C PHE A 31 -35.63 3.43 -29.79
N THR A 32 -35.90 2.62 -28.78
CA THR A 32 -36.88 2.92 -27.76
C THR A 32 -36.29 3.57 -26.49
N HIS A 33 -34.96 3.54 -26.36
CA HIS A 33 -34.31 3.93 -25.10
C HIS A 33 -33.19 4.94 -25.29
N ASP A 34 -33.12 5.91 -24.38
CA ASP A 34 -31.87 6.69 -24.27
C ASP A 34 -31.01 6.16 -23.15
N TRP A 35 -29.72 6.01 -23.40
CA TRP A 35 -28.86 5.63 -22.31
C TRP A 35 -27.51 6.32 -22.34
N MET A 36 -26.82 6.21 -21.21
CA MET A 36 -25.51 6.84 -21.01
C MET A 36 -24.72 5.91 -20.08
N VAL A 37 -23.52 5.55 -20.51
CA VAL A 37 -22.63 4.74 -19.71
C VAL A 37 -21.41 5.57 -19.38
N PHE A 38 -20.81 5.31 -18.23
CA PHE A 38 -19.66 6.11 -17.81
C PHE A 38 -18.63 5.38 -16.93
N VAL A 39 -17.41 5.90 -16.94
CA VAL A 39 -16.38 5.57 -15.97
C VAL A 39 -15.97 6.85 -15.25
N ARG A 40 -15.93 6.81 -13.92
CA ARG A 40 -15.54 8.00 -13.17
C ARG A 40 -14.89 7.62 -11.83
N GLY A 41 -14.35 8.61 -11.14
CA GLY A 41 -13.97 8.42 -9.74
C GLY A 41 -15.14 8.74 -8.83
N PRO A 42 -15.13 8.18 -7.61
CA PRO A 42 -16.20 8.50 -6.65
C PRO A 42 -16.10 9.95 -6.18
N GLU A 43 -17.22 10.49 -5.69
CA GLU A 43 -17.28 11.84 -5.12
C GLU A 43 -16.51 12.87 -5.93
N HIS A 44 -16.67 12.81 -7.24
CA HIS A 44 -16.09 13.79 -8.16
C HIS A 44 -14.56 13.83 -8.16
N SER A 45 -13.93 12.79 -7.63
CA SER A 45 -12.48 12.71 -7.65
C SER A 45 -11.99 12.68 -9.08
N ASN A 46 -10.74 13.07 -9.26
CA ASN A 46 -10.21 13.26 -10.59
C ASN A 46 -9.31 12.09 -11.00
N ILE A 47 -9.85 11.15 -11.77
CA ILE A 47 -9.09 9.98 -12.16
C ILE A 47 -8.21 10.26 -13.37
N GLN A 48 -8.40 11.42 -14.01
CA GLN A 48 -7.53 11.77 -15.13
C GLN A 48 -6.04 11.88 -14.76
N HIS A 49 -5.71 12.12 -13.50
CA HIS A 49 -4.30 12.12 -13.13
C HIS A 49 -3.63 10.82 -13.56
N PHE A 50 -4.34 9.69 -13.45
CA PHE A 50 -3.67 8.44 -13.81
C PHE A 50 -4.29 7.71 -15.01
N VAL A 51 -5.42 8.19 -15.50
CA VAL A 51 -6.06 7.56 -16.66
C VAL A 51 -5.69 8.25 -17.98
N GLU A 52 -5.18 7.46 -18.92
CA GLU A 52 -4.78 7.97 -20.22
C GLU A 52 -6.01 8.12 -21.10
N LYS A 53 -6.84 7.09 -21.09
CA LYS A 53 -8.07 7.09 -21.86
C LYS A 53 -8.94 5.92 -21.47
N VAL A 54 -10.22 6.05 -21.81
CA VAL A 54 -11.23 5.01 -21.63
C VAL A 54 -11.83 4.64 -22.97
N VAL A 55 -11.78 3.36 -23.30
CA VAL A 55 -12.36 2.88 -24.53
C VAL A 55 -13.67 2.11 -24.24
N PHE A 56 -14.77 2.55 -24.85
CA PHE A 56 -16.04 1.84 -24.76
C PHE A 56 -16.35 1.07 -26.05
N HIS A 57 -16.34 -0.26 -26.01
CA HIS A 57 -16.62 -1.08 -27.19
C HIS A 57 -18.13 -1.38 -27.32
N LEU A 58 -18.84 -0.62 -28.14
CA LEU A 58 -20.27 -0.85 -28.30
C LEU A 58 -20.57 -2.05 -29.16
N HIS A 59 -21.81 -2.51 -29.05
CA HIS A 59 -22.27 -3.64 -29.86
C HIS A 59 -22.09 -3.35 -31.37
N GLU A 60 -21.72 -4.36 -32.15
CA GLU A 60 -21.45 -4.15 -33.60
C GLU A 60 -22.57 -3.43 -34.35
N SER A 61 -23.81 -3.51 -33.85
CA SER A 61 -24.95 -2.82 -34.48
C SER A 61 -24.86 -1.30 -34.44
N PHE A 62 -23.90 -0.77 -33.70
CA PHE A 62 -23.75 0.68 -33.60
C PHE A 62 -22.66 1.11 -34.59
N PRO A 63 -22.83 2.31 -35.17
CA PRO A 63 -21.79 2.85 -36.06
C PRO A 63 -20.58 3.33 -35.28
N ARG A 64 -19.38 3.02 -35.76
CA ARG A 64 -18.14 3.42 -35.08
C ARG A 64 -18.16 2.89 -33.64
N PRO A 65 -18.19 1.57 -33.50
CA PRO A 65 -18.45 0.94 -32.20
C PRO A 65 -17.36 1.19 -31.15
N LYS A 66 -16.11 1.36 -31.57
CA LYS A 66 -15.03 1.69 -30.64
C LYS A 66 -15.02 3.18 -30.29
N ARG A 67 -15.64 3.52 -29.16
CA ARG A 67 -15.71 4.90 -28.70
C ARG A 67 -14.60 5.22 -27.69
N VAL A 68 -13.78 6.20 -28.03
CA VAL A 68 -12.61 6.56 -27.27
C VAL A 68 -12.84 7.91 -26.64
N CYS A 69 -12.58 7.99 -25.34
CA CYS A 69 -12.57 9.24 -24.57
C CYS A 69 -11.19 9.48 -23.94
N LYS A 70 -10.48 10.50 -24.42
CA LYS A 70 -9.12 10.81 -23.93
C LYS A 70 -9.13 11.77 -22.74
N ASP A 71 -10.27 12.41 -22.52
CA ASP A 71 -10.44 13.41 -21.48
C ASP A 71 -11.78 13.18 -20.83
N PRO A 72 -11.91 13.50 -19.54
CA PRO A 72 -13.24 13.43 -18.90
C PRO A 72 -14.25 14.38 -19.57
N PRO A 73 -15.55 14.13 -19.38
CA PRO A 73 -16.06 12.91 -18.75
C PRO A 73 -15.90 11.72 -19.72
N TYR A 74 -15.55 10.58 -19.14
CA TYR A 74 -15.39 9.36 -19.90
C TYR A 74 -16.78 8.76 -19.94
N LYS A 75 -17.52 9.07 -20.99
CA LYS A 75 -18.87 8.57 -21.11
C LYS A 75 -19.30 8.45 -22.56
N VAL A 76 -20.32 7.63 -22.77
CA VAL A 76 -20.96 7.51 -24.08
C VAL A 76 -22.45 7.65 -23.89
N GLU A 77 -23.08 8.46 -24.74
CA GLU A 77 -24.53 8.65 -24.73
C GLU A 77 -25.07 8.12 -26.03
N GLU A 78 -26.10 7.28 -25.95
CA GLU A 78 -26.60 6.68 -27.17
C GLU A 78 -28.07 6.38 -27.04
N SER A 79 -28.64 5.94 -28.14
CA SER A 79 -30.02 5.48 -28.17
C SER A 79 -30.00 4.07 -28.75
N GLY A 80 -30.92 3.23 -28.30
CA GLY A 80 -31.01 1.85 -28.73
C GLY A 80 -32.27 1.15 -28.25
N TYR A 81 -32.35 -0.17 -28.44
CA TYR A 81 -33.57 -0.91 -28.23
C TYR A 81 -33.31 -2.14 -27.39
N ALA A 82 -32.04 -2.48 -27.18
CA ALA A 82 -31.75 -3.69 -26.41
C ALA A 82 -30.47 -3.57 -25.58
N GLY A 83 -30.42 -4.33 -24.48
CA GLY A 83 -29.25 -4.41 -23.64
C GLY A 83 -28.15 -5.31 -24.22
N PHE A 84 -26.91 -5.13 -23.76
CA PHE A 84 -25.80 -5.88 -24.34
C PHE A 84 -24.56 -5.79 -23.47
N ILE A 85 -23.64 -6.71 -23.68
CA ILE A 85 -22.38 -6.66 -22.94
C ILE A 85 -21.49 -5.65 -23.64
N LEU A 86 -20.91 -4.76 -22.85
CA LEU A 86 -20.15 -3.64 -23.38
C LEU A 86 -18.76 -3.68 -22.74
N PRO A 87 -17.78 -4.26 -23.45
CA PRO A 87 -16.39 -4.23 -22.94
C PRO A 87 -15.84 -2.80 -22.84
N ILE A 88 -15.19 -2.53 -21.72
CA ILE A 88 -14.59 -1.23 -21.42
C ILE A 88 -13.14 -1.43 -21.08
N GLU A 89 -12.27 -0.63 -21.70
CA GLU A 89 -10.85 -0.66 -21.36
C GLU A 89 -10.45 0.63 -20.70
N VAL A 90 -9.87 0.53 -19.51
CA VAL A 90 -9.33 1.74 -18.90
C VAL A 90 -7.79 1.68 -19.00
N TYR A 91 -7.25 2.60 -19.78
CA TYR A 91 -5.83 2.74 -20.02
C TYR A 91 -5.15 3.68 -19.00
N PHE A 92 -3.98 3.27 -18.53
CA PHE A 92 -3.25 4.01 -17.51
C PHE A 92 -2.04 4.80 -18.02
N LYS A 93 -1.79 5.96 -17.42
CA LYS A 93 -0.56 6.72 -17.66
C LYS A 93 0.65 6.07 -16.98
N ASN A 94 0.84 4.81 -17.27
CA ASN A 94 1.87 4.00 -16.62
C ASN A 94 2.81 3.56 -17.71
N LYS A 95 4.10 3.61 -17.42
CA LYS A 95 5.11 3.23 -18.40
C LYS A 95 5.46 1.75 -18.26
N GLU A 96 4.96 1.10 -17.21
CA GLU A 96 5.17 -0.32 -17.03
C GLU A 96 3.84 -1.06 -17.08
N GLU A 97 3.88 -2.35 -16.81
CA GLU A 97 2.68 -3.15 -16.55
C GLU A 97 2.07 -2.69 -15.25
N PRO A 98 0.75 -2.75 -15.13
CA PRO A 98 -0.20 -2.99 -16.23
C PRO A 98 -0.44 -1.70 -16.99
N ARG A 99 -0.68 -1.78 -18.28
CA ARG A 99 -0.97 -0.60 -19.08
C ARG A 99 -2.46 -0.28 -19.02
N LYS A 100 -3.25 -1.30 -18.73
CA LYS A 100 -4.70 -1.13 -18.75
C LYS A 100 -5.36 -2.25 -17.97
N VAL A 101 -6.63 -2.01 -17.70
CA VAL A 101 -7.52 -2.96 -17.09
C VAL A 101 -8.81 -3.00 -17.96
N ARG A 102 -9.40 -4.19 -17.99
CA ARG A 102 -10.55 -4.50 -18.86
C ARG A 102 -11.73 -4.98 -18.05
N PHE A 103 -12.89 -4.45 -18.36
CA PHE A 103 -14.12 -4.86 -17.70
C PHE A 103 -15.13 -5.25 -18.75
N ASP A 104 -15.99 -6.22 -18.44
CA ASP A 104 -17.23 -6.43 -19.19
C ASP A 104 -18.39 -5.76 -18.49
N TYR A 105 -18.90 -4.68 -19.08
CA TYR A 105 -19.95 -3.93 -18.45
C TYR A 105 -21.30 -4.38 -19.00
N ASP A 106 -22.26 -4.62 -18.12
CA ASP A 106 -23.61 -5.05 -18.54
C ASP A 106 -24.55 -3.86 -18.73
N LEU A 107 -24.66 -3.40 -19.97
CA LEU A 107 -25.52 -2.28 -20.29
C LEU A 107 -26.94 -2.82 -20.43
N PHE A 108 -27.67 -2.95 -19.33
CA PHE A 108 -29.04 -3.48 -19.40
C PHE A 108 -30.08 -2.37 -19.44
N LEU A 109 -31.17 -2.63 -20.16
CA LEU A 109 -32.30 -1.68 -20.21
C LEU A 109 -33.50 -2.31 -19.50
N HIS A 110 -34.32 -1.47 -18.90
CA HIS A 110 -35.60 -1.88 -18.37
C HIS A 110 -36.80 -1.56 -19.28
N LEU A 111 -37.81 -2.43 -19.24
CA LEU A 111 -39.03 -2.29 -20.06
C LEU A 111 -39.81 -1.05 -19.70
N GLU A 112 -40.45 -0.48 -20.71
CA GLU A 112 -41.49 0.53 -20.52
C GLU A 112 -42.36 0.20 -19.32
N GLY A 113 -42.59 1.20 -18.46
CA GLY A 113 -43.42 0.99 -17.29
C GLY A 113 -42.61 0.89 -16.01
N HIS A 114 -41.36 0.46 -16.12
CA HIS A 114 -40.45 0.42 -14.97
C HIS A 114 -39.66 1.70 -14.88
N PRO A 115 -39.24 2.05 -13.65
CA PRO A 115 -38.44 3.26 -13.47
C PRO A 115 -37.18 3.23 -14.30
N PRO A 116 -36.64 4.40 -14.62
CA PRO A 116 -35.41 4.39 -15.41
C PRO A 116 -34.28 3.66 -14.67
N VAL A 117 -33.36 3.10 -15.43
CA VAL A 117 -32.19 2.46 -14.84
C VAL A 117 -31.24 3.55 -14.37
N ASN A 118 -30.77 3.40 -13.13
CA ASN A 118 -29.62 4.17 -12.64
C ASN A 118 -28.71 3.19 -11.90
N HIS A 119 -27.66 2.72 -12.57
CA HIS A 119 -26.88 1.62 -12.01
C HIS A 119 -25.47 2.08 -11.70
N LEU A 120 -24.94 1.54 -10.61
CA LEU A 120 -23.62 1.89 -10.15
C LEU A 120 -22.85 0.66 -9.79
N ARG A 121 -21.63 0.59 -10.32
CA ARG A 121 -20.77 -0.54 -10.11
C ARG A 121 -19.37 -0.05 -9.66
N CYS A 122 -19.00 -0.41 -8.43
CA CYS A 122 -17.74 0.06 -7.84
C CYS A 122 -16.66 -0.96 -8.08
N GLU A 123 -15.49 -0.50 -8.49
CA GLU A 123 -14.34 -1.37 -8.73
C GLU A 123 -13.12 -0.81 -7.98
N LYS A 124 -12.35 -1.69 -7.37
CA LYS A 124 -11.11 -1.30 -6.72
C LYS A 124 -9.93 -1.80 -7.54
N LEU A 125 -9.02 -0.89 -7.87
CA LEU A 125 -7.77 -1.30 -8.51
C LEU A 125 -6.59 -1.26 -7.55
N THR A 126 -5.78 -2.30 -7.58
CA THR A 126 -4.61 -2.36 -6.71
C THR A 126 -3.33 -2.43 -7.53
N PHE A 127 -2.40 -1.54 -7.24
CA PHE A 127 -1.10 -1.50 -7.88
C PHE A 127 0.00 -1.72 -6.84
N ASN A 128 0.71 -2.83 -6.98
CA ASN A 128 1.86 -3.13 -6.12
C ASN A 128 3.13 -2.51 -6.68
N ASN A 129 3.83 -1.79 -5.80
CA ASN A 129 5.11 -1.19 -6.14
C ASN A 129 5.15 -0.53 -7.47
N PRO A 130 4.19 0.38 -7.72
CA PRO A 130 4.30 1.16 -8.96
C PRO A 130 5.60 1.95 -9.01
N THR A 131 5.98 2.42 -10.19
CA THR A 131 7.08 3.33 -10.37
C THR A 131 6.74 4.59 -9.65
N GLU A 132 7.77 5.38 -9.36
CA GLU A 132 7.58 6.63 -8.64
C GLU A 132 6.75 7.58 -9.48
N ASP A 133 6.98 7.58 -10.79
CA ASP A 133 6.18 8.38 -11.71
C ASP A 133 4.69 8.01 -11.63
N PHE A 134 4.38 6.72 -11.72
CA PHE A 134 2.98 6.29 -11.72
C PHE A 134 2.37 6.46 -10.34
N ARG A 135 3.15 6.14 -9.32
CA ARG A 135 2.70 6.34 -7.95
C ARG A 135 2.29 7.77 -7.71
N ARG A 136 3.12 8.72 -8.17
CA ARG A 136 2.79 10.13 -8.00
C ARG A 136 1.41 10.44 -8.63
N LYS A 137 1.15 9.85 -9.79
CA LYS A 137 -0.12 10.13 -10.48
C LYS A 137 -1.28 9.50 -9.71
N LEU A 138 -1.12 8.25 -9.28
CA LEU A 138 -2.21 7.58 -8.60
C LEU A 138 -2.63 8.35 -7.35
N LEU A 139 -1.66 8.86 -6.61
CA LEU A 139 -1.95 9.45 -5.33
C LEU A 139 -2.43 10.88 -5.43
N LYS A 140 -2.42 11.46 -6.64
CA LYS A 140 -3.13 12.72 -6.84
C LYS A 140 -4.66 12.51 -6.92
N ALA A 141 -5.08 11.32 -7.34
CA ALA A 141 -6.51 10.99 -7.46
C ALA A 141 -7.22 10.74 -6.13
N THR B 3 -39.02 -10.63 -15.14
CA THR B 3 -37.86 -9.76 -15.33
C THR B 3 -38.26 -8.35 -15.77
N LYS B 4 -37.52 -7.36 -15.31
CA LYS B 4 -37.74 -5.98 -15.68
C LYS B 4 -37.07 -5.63 -17.01
N GLN B 5 -36.21 -6.52 -17.51
CA GLN B 5 -35.30 -6.18 -18.58
C GLN B 5 -35.94 -6.31 -19.94
N THR B 6 -35.49 -5.47 -20.85
CA THR B 6 -35.80 -5.59 -22.23
C THR B 6 -35.07 -6.81 -22.80
N ALA B 7 -35.35 -7.08 -24.07
CA ALA B 7 -34.57 -8.05 -24.81
C ALA B 7 -33.12 -7.62 -24.86
N ARG B 8 -32.23 -8.56 -25.18
CA ARG B 8 -30.80 -8.28 -25.30
C ARG B 8 -30.35 -8.60 -26.68
OH ALY B 9 -29.80 -1.15 -29.22
CH ALY B 9 -28.95 -1.25 -30.15
CH3 ALY B 9 -28.83 -0.24 -31.25
NZ ALY B 9 -28.10 -2.32 -30.25
CE ALY B 9 -28.08 -3.38 -29.28
CD ALY B 9 -28.33 -4.77 -29.83
CG ALY B 9 -28.22 -5.85 -28.77
CB ALY B 9 -28.41 -7.18 -29.40
CA ALY B 9 -28.61 -8.33 -28.39
N ALY B 9 -29.24 -8.02 -27.11
C ALY B 9 -27.24 -8.89 -28.14
O ALY B 9 -26.67 -8.82 -27.06
HH31 ALY B 9 -27.81 0.20 -31.23
HH32 ALY B 9 -29.59 0.57 -31.13
HH33 ALY B 9 -28.99 -0.74 -32.25
HZ ALY B 9 -27.45 -2.37 -31.00
HE3 ALY B 9 -28.85 -3.16 -28.48
HE2 ALY B 9 -27.07 -3.38 -28.78
HD3 ALY B 9 -27.59 -4.99 -30.65
HD2 ALY B 9 -29.35 -4.81 -30.30
HG3 ALY B 9 -29.00 -5.67 -27.98
HG2 ALY B 9 -27.22 -5.80 -28.28
HB3 ALY B 9 -27.50 -7.44 -30.02
HB2 ALY B 9 -29.29 -7.15 -30.11
HA ALY B 9 -29.24 -9.12 -28.87
N SER B 10 -26.66 -9.51 -29.17
CA SER B 10 -25.27 -9.99 -29.02
C SER B 10 -24.50 -10.10 -30.33
N THR B 11 -23.17 -10.03 -30.21
N HIS C 3 -13.41 11.93 -0.92
CA HIS C 3 -12.93 13.09 -1.73
C HIS C 3 -11.69 12.70 -2.56
N MET C 4 -11.08 11.57 -2.19
CA MET C 4 -9.89 11.06 -2.87
C MET C 4 -10.08 9.61 -3.29
N ALA C 5 -9.84 9.32 -4.56
CA ALA C 5 -10.06 7.99 -5.10
C ALA C 5 -9.00 7.00 -4.64
N SER C 6 -7.85 7.51 -4.20
CA SER C 6 -6.69 6.67 -3.99
C SER C 6 -6.39 6.49 -2.50
N SER C 7 -5.81 5.34 -2.19
CA SER C 7 -5.28 5.06 -0.87
C SER C 7 -3.97 4.27 -1.01
N CYS C 8 -3.28 4.12 0.12
CA CYS C 8 -1.88 3.75 0.17
C CYS C 8 -1.58 2.94 1.39
N ALA C 9 -0.89 1.82 1.23
CA ALA C 9 -0.26 1.16 2.36
C ALA C 9 1.23 1.00 2.07
N VAL C 10 2.08 1.44 3.01
CA VAL C 10 3.48 1.27 2.81
C VAL C 10 4.06 0.33 3.85
N GLN C 11 5.00 -0.49 3.41
CA GLN C 11 5.70 -1.43 4.27
C GLN C 11 7.15 -1.07 4.33
N VAL C 12 7.71 -1.13 5.54
CA VAL C 12 9.14 -0.99 5.67
C VAL C 12 9.68 -2.17 6.42
N LYS C 13 10.91 -2.54 6.10
CA LYS C 13 11.58 -3.65 6.74
C LYS C 13 12.61 -3.14 7.73
N LEU C 14 12.57 -3.66 8.94
CA LEU C 14 13.64 -3.43 9.90
C LEU C 14 14.33 -4.73 10.23
N GLU C 15 15.59 -4.63 10.58
CA GLU C 15 16.32 -5.77 11.10
C GLU C 15 16.80 -5.39 12.50
N LEU C 16 16.46 -6.23 13.47
CA LEU C 16 17.01 -6.19 14.80
C LEU C 16 17.99 -7.34 14.95
N GLY C 17 19.05 -7.12 15.69
CA GLY C 17 19.98 -8.19 15.92
C GLY C 17 21.00 -7.88 16.98
N HIS C 18 21.79 -8.87 17.30
CA HIS C 18 22.87 -8.72 18.25
C HIS C 18 23.97 -9.77 18.05
N ARG C 19 25.18 -9.39 18.48
CA ARG C 19 26.32 -10.28 18.53
C ARG C 19 26.81 -10.30 19.97
N ALA C 20 27.28 -11.46 20.38
CA ALA C 20 27.77 -11.66 21.74
C ALA C 20 28.86 -12.71 21.76
N GLN C 21 30.01 -12.39 22.32
CA GLN C 21 31.01 -13.42 22.60
C GLN C 21 31.72 -13.33 23.97
N VAL C 22 32.27 -14.46 24.38
CA VAL C 22 32.99 -14.53 25.61
C VAL C 22 34.31 -13.78 25.47
N ARG C 23 34.60 -12.96 26.48
CA ARG C 23 35.87 -12.23 26.57
C ARG C 23 37.03 -13.19 26.87
N LYS C 24 38.24 -12.86 26.40
CA LYS C 24 39.41 -13.67 26.76
C LYS C 24 39.56 -13.68 28.27
N LYS C 25 39.40 -12.51 28.88
CA LYS C 25 39.40 -12.41 30.32
C LYS C 25 38.25 -11.52 30.78
N PRO C 26 37.57 -11.90 31.87
CA PRO C 26 36.49 -11.04 32.38
C PRO C 26 36.95 -9.67 32.76
N THR C 27 36.00 -8.75 32.84
CA THR C 27 36.32 -7.40 33.20
C THR C 27 36.47 -7.34 34.71
N VAL C 28 36.88 -6.19 35.20
CA VAL C 28 37.16 -6.05 36.60
C VAL C 28 35.85 -6.29 37.37
N GLU C 29 34.75 -5.79 36.80
CA GLU C 29 33.42 -5.99 37.38
C GLU C 29 32.98 -7.45 37.39
N GLY C 30 33.65 -8.30 36.62
CA GLY C 30 33.22 -9.67 36.49
C GLY C 30 32.38 -9.94 35.24
N PHE C 31 32.32 -8.98 34.32
CA PHE C 31 31.58 -9.21 33.06
C PHE C 31 32.34 -10.17 32.15
N THR C 32 31.62 -11.19 31.69
CA THR C 32 32.19 -12.28 30.92
C THR C 32 32.03 -12.14 29.42
N HIS C 33 31.11 -11.30 28.97
CA HIS C 33 30.82 -11.19 27.54
C HIS C 33 30.87 -9.75 27.03
N ASP C 34 31.20 -9.64 25.75
CA ASP C 34 31.07 -8.39 25.02
C ASP C 34 29.88 -8.57 24.07
N TRP C 35 28.99 -7.61 24.00
CA TRP C 35 27.94 -7.70 23.03
C TRP C 35 27.60 -6.36 22.40
N MET C 36 26.83 -6.47 21.33
CA MET C 36 26.42 -5.31 20.54
C MET C 36 25.03 -5.61 19.99
N VAL C 37 24.09 -4.70 20.23
CA VAL C 37 22.73 -4.88 19.75
C VAL C 37 22.47 -3.72 18.78
N PHE C 38 21.64 -3.94 17.76
CA PHE C 38 21.44 -2.91 16.77
C PHE C 38 20.06 -2.92 16.11
N VAL C 39 19.68 -1.79 15.53
CA VAL C 39 18.52 -1.75 14.65
C VAL C 39 19.01 -1.18 13.34
N ARG C 40 18.62 -1.79 12.23
CA ARG C 40 19.05 -1.31 10.91
C ARG C 40 18.03 -1.63 9.85
N GLY C 41 18.21 -1.04 8.66
CA GLY C 41 17.43 -1.46 7.51
C GLY C 41 18.19 -2.57 6.81
N PRO C 42 17.49 -3.37 6.02
CA PRO C 42 18.22 -4.46 5.34
C PRO C 42 19.18 -3.94 4.24
N GLU C 43 20.31 -4.62 4.05
CA GLU C 43 21.18 -4.36 2.91
C GLU C 43 21.57 -2.91 2.85
N HIS C 44 21.94 -2.38 4.00
CA HIS C 44 22.40 -1.01 4.13
C HIS C 44 21.41 0.06 3.68
N SER C 45 20.11 -0.27 3.67
CA SER C 45 19.12 0.76 3.39
C SER C 45 19.13 1.82 4.49
N ASN C 46 18.72 3.04 4.15
CA ASN C 46 18.87 4.14 5.06
C ASN C 46 17.55 4.43 5.80
N ILE C 47 17.43 3.89 6.98
CA ILE C 47 16.17 4.02 7.70
C ILE C 47 16.08 5.36 8.41
N GLN C 48 17.16 6.14 8.44
CA GLN C 48 17.06 7.41 9.14
C GLN C 48 16.14 8.37 8.41
N HIS C 49 15.86 8.13 7.13
CA HIS C 49 14.83 8.89 6.42
C HIS C 49 13.52 8.98 7.17
N PHE C 50 13.13 7.88 7.82
CA PHE C 50 11.86 7.88 8.53
C PHE C 50 11.98 7.60 10.03
N VAL C 51 13.20 7.36 10.50
CA VAL C 51 13.43 7.05 11.91
C VAL C 51 14.02 8.25 12.61
N GLU C 52 13.27 8.77 13.60
CA GLU C 52 13.76 9.86 14.41
C GLU C 52 14.85 9.39 15.41
N LYS C 53 14.57 8.31 16.13
CA LYS C 53 15.51 7.76 17.05
C LYS C 53 15.16 6.33 17.46
N VAL C 54 16.14 5.65 18.00
CA VAL C 54 15.95 4.33 18.55
C VAL C 54 16.39 4.38 19.99
N VAL C 55 15.52 3.91 20.88
CA VAL C 55 15.81 3.87 22.31
C VAL C 55 15.96 2.43 22.76
N PHE C 56 17.09 2.10 23.38
CA PHE C 56 17.34 0.78 23.87
C PHE C 56 17.24 0.81 25.37
N HIS C 57 16.33 0.02 25.90
CA HIS C 57 16.03 0.03 27.32
C HIS C 57 16.76 -1.12 27.97
N LEU C 58 17.96 -0.82 28.47
CA LEU C 58 18.85 -1.79 29.10
C LEU C 58 18.38 -2.21 30.49
N HIS C 59 18.78 -3.39 30.91
CA HIS C 59 18.54 -3.89 32.26
C HIS C 59 19.06 -2.88 33.28
N GLU C 60 18.30 -2.71 34.37
CA GLU C 60 18.62 -1.79 35.46
C GLU C 60 20.07 -1.72 35.95
N SER C 61 20.78 -2.85 35.86
CA SER C 61 22.14 -2.95 36.35
C SER C 61 23.13 -2.23 35.49
N PHE C 62 22.71 -1.74 34.34
CA PHE C 62 23.65 -0.95 33.57
C PHE C 62 23.49 0.52 33.98
N PRO C 63 24.60 1.28 34.01
CA PRO C 63 24.47 2.72 34.18
C PRO C 63 23.77 3.37 32.98
N ARG C 64 22.94 4.36 33.29
CA ARG C 64 22.20 5.13 32.30
C ARG C 64 21.54 4.16 31.33
N PRO C 65 20.61 3.36 31.83
CA PRO C 65 20.10 2.20 31.12
C PRO C 65 19.29 2.55 29.87
N LYS C 66 18.68 3.73 29.84
CA LYS C 66 17.99 4.16 28.64
C LYS C 66 18.96 4.73 27.61
N ARG C 67 19.33 3.94 26.62
CA ARG C 67 20.35 4.37 25.67
C ARG C 67 19.67 4.88 24.40
N VAL C 68 19.91 6.13 24.07
CA VAL C 68 19.22 6.78 22.98
C VAL C 68 20.14 7.01 21.81
N CYS C 69 19.73 6.58 20.62
CA CYS C 69 20.48 6.86 19.40
C CYS C 69 19.66 7.66 18.41
N LYS C 70 20.04 8.92 18.19
CA LYS C 70 19.31 9.80 17.31
C LYS C 70 19.85 9.81 15.87
N ASP C 71 20.95 9.10 15.62
CA ASP C 71 21.51 8.99 14.27
C ASP C 71 22.06 7.61 14.13
N PRO C 72 22.14 7.10 12.89
CA PRO C 72 22.72 5.78 12.67
C PRO C 72 24.21 5.86 12.90
N PRO C 73 24.85 4.74 13.22
CA PRO C 73 24.23 3.45 13.49
C PRO C 73 23.45 3.41 14.81
N TYR C 74 22.25 2.82 14.77
CA TYR C 74 21.41 2.66 15.94
C TYR C 74 21.89 1.39 16.64
N LYS C 75 22.79 1.55 17.60
CA LYS C 75 23.36 0.39 18.26
C LYS C 75 23.89 0.73 19.63
N VAL C 76 23.99 -0.30 20.46
CA VAL C 76 24.60 -0.19 21.78
C VAL C 76 25.64 -1.29 21.89
N GLU C 77 26.83 -0.92 22.31
CA GLU C 77 27.91 -1.86 22.58
C GLU C 77 28.16 -1.90 24.08
N GLU C 78 28.14 -3.10 24.66
CA GLU C 78 28.30 -3.25 26.13
C GLU C 78 29.02 -4.55 26.48
N SER C 79 29.32 -4.67 27.77
CA SER C 79 29.85 -5.91 28.36
C SER C 79 28.95 -6.30 29.51
N GLY C 80 28.74 -7.58 29.71
CA GLY C 80 27.91 -8.05 30.80
C GLY C 80 28.10 -9.53 31.06
N TYR C 81 27.23 -10.10 31.89
CA TYR C 81 27.35 -11.48 32.31
C TYR C 81 26.09 -12.31 32.14
N ALA C 82 24.97 -11.70 31.79
CA ALA C 82 23.74 -12.48 31.63
C ALA C 82 22.82 -11.87 30.56
N GLY C 83 22.00 -12.72 29.95
CA GLY C 83 21.01 -12.30 28.99
C GLY C 83 19.81 -11.71 29.70
N PHE C 84 19.01 -11.00 28.93
CA PHE C 84 17.83 -10.32 29.45
C PHE C 84 16.98 -9.83 28.30
N ILE C 85 15.75 -9.45 28.63
CA ILE C 85 14.86 -8.86 27.66
C ILE C 85 15.11 -7.38 27.60
N LEU C 86 15.27 -6.92 26.37
CA LEU C 86 15.72 -5.57 26.12
C LEU C 86 14.67 -4.88 25.24
N PRO C 87 13.77 -4.13 25.87
CA PRO C 87 12.77 -3.42 25.06
C PRO C 87 13.44 -2.35 24.21
N ILE C 88 13.04 -2.31 22.95
CA ILE C 88 13.53 -1.36 21.97
C ILE C 88 12.35 -0.58 21.40
N GLU C 89 12.48 0.74 21.41
CA GLU C 89 11.49 1.61 20.81
C GLU C 89 12.09 2.33 19.59
N VAL C 90 11.44 2.18 18.45
CA VAL C 90 11.80 2.91 17.26
C VAL C 90 10.83 4.08 17.06
N TYR C 91 11.30 5.32 17.13
CA TYR C 91 10.46 6.52 16.92
C TYR C 91 10.49 7.04 15.45
N PHE C 92 9.33 7.45 14.98
CA PHE C 92 9.17 7.81 13.60
C PHE C 92 9.16 9.32 13.41
N LYS C 93 9.69 9.73 12.27
CA LYS C 93 9.64 11.14 11.85
C LYS C 93 8.25 11.50 11.35
N ASN C 94 7.27 11.32 12.21
CA ASN C 94 5.83 11.31 11.90
C ASN C 94 5.18 12.31 12.86
N LYS C 95 4.16 13.02 12.39
CA LYS C 95 3.43 13.96 13.27
C LYS C 95 2.14 13.30 13.75
N GLU C 96 1.69 12.27 13.04
CA GLU C 96 0.48 11.54 13.39
C GLU C 96 0.81 10.19 14.00
N GLU C 97 -0.20 9.39 14.27
CA GLU C 97 0.02 8.07 14.79
C GLU C 97 0.31 7.11 13.63
N PRO C 98 1.14 6.09 13.87
CA PRO C 98 1.87 5.84 15.12
C PRO C 98 3.16 6.65 15.22
N ARG C 99 3.48 7.09 16.42
CA ARG C 99 4.68 7.85 16.68
C ARG C 99 5.92 6.94 16.83
N LYS C 100 5.68 5.71 17.28
CA LYS C 100 6.74 4.78 17.61
C LYS C 100 6.24 3.38 17.62
N VAL C 101 7.17 2.44 17.63
CA VAL C 101 6.81 1.03 17.74
C VAL C 101 7.82 0.37 18.70
N ARG C 102 7.36 -0.67 19.42
CA ARG C 102 8.16 -1.28 20.43
C ARG C 102 8.44 -2.74 20.12
N PHE C 103 9.67 -3.17 20.28
CA PHE C 103 9.99 -4.58 20.24
C PHE C 103 10.67 -5.03 21.52
N ASP C 104 10.27 -6.20 22.01
CA ASP C 104 10.95 -6.80 23.15
C ASP C 104 12.05 -7.73 22.64
N TYR C 105 13.28 -7.25 22.64
CA TYR C 105 14.41 -7.97 22.06
C TYR C 105 15.10 -8.89 23.10
N ASP C 106 15.26 -10.14 22.72
CA ASP C 106 15.90 -11.10 23.59
C ASP C 106 17.44 -11.05 23.42
N LEU C 107 18.10 -10.25 24.27
CA LEU C 107 19.55 -10.19 24.25
C LEU C 107 20.10 -11.41 25.00
N PHE C 108 20.31 -12.52 24.30
CA PHE C 108 20.82 -13.75 24.92
C PHE C 108 22.30 -13.97 24.69
N LEU C 109 22.96 -14.56 25.68
CA LEU C 109 24.40 -14.85 25.58
C LEU C 109 24.65 -16.37 25.55
N HIS C 110 25.65 -16.81 24.78
CA HIS C 110 26.00 -18.23 24.80
C HIS C 110 27.17 -18.54 25.75
N LEU C 111 27.18 -19.77 26.25
CA LEU C 111 28.26 -20.22 27.13
C LEU C 111 29.58 -20.33 26.39
N GLU C 112 30.66 -20.17 27.14
CA GLU C 112 32.00 -20.43 26.63
C GLU C 112 32.12 -21.84 26.08
N GLY C 113 32.80 -21.95 24.95
CA GLY C 113 32.89 -23.24 24.26
C GLY C 113 31.91 -23.34 23.12
N HIS C 114 30.91 -22.46 23.10
CA HIS C 114 29.96 -22.42 22.00
C HIS C 114 30.28 -21.29 21.04
N PRO C 115 29.79 -21.41 19.80
CA PRO C 115 29.98 -20.30 18.87
C PRO C 115 29.43 -18.95 19.43
N PRO C 116 30.05 -17.84 19.02
CA PRO C 116 29.55 -16.52 19.40
C PRO C 116 28.16 -16.35 18.87
N VAL C 117 27.34 -15.57 19.54
CA VAL C 117 26.00 -15.30 19.03
C VAL C 117 26.09 -14.36 17.87
N ASN C 118 25.31 -14.65 16.85
CA ASN C 118 25.15 -13.75 15.71
C ASN C 118 23.72 -13.89 15.21
N HIS C 119 22.81 -13.16 15.86
CA HIS C 119 21.37 -13.34 15.71
C HIS C 119 20.77 -12.19 14.92
N LEU C 120 19.79 -12.53 14.10
CA LEU C 120 19.09 -11.56 13.28
C LEU C 120 17.59 -11.76 13.41
N ARG C 121 16.84 -10.69 13.63
CA ARG C 121 15.38 -10.74 13.73
C ARG C 121 14.77 -9.72 12.76
N CYS C 122 13.90 -10.20 11.89
CA CYS C 122 13.40 -9.35 10.82
C CYS C 122 12.02 -8.91 11.19
N GLU C 123 11.74 -7.62 10.97
CA GLU C 123 10.44 -7.07 11.28
C GLU C 123 9.93 -6.26 10.09
N LYS C 124 8.70 -6.52 9.72
CA LYS C 124 8.00 -5.72 8.71
C LYS C 124 7.02 -4.77 9.38
N LEU C 125 7.09 -3.49 9.04
CA LEU C 125 6.14 -2.53 9.58
C LEU C 125 5.19 -2.09 8.48
N THR C 126 3.93 -1.94 8.83
CA THR C 126 2.93 -1.53 7.87
C THR C 126 2.26 -0.24 8.30
N PHE C 127 2.23 0.72 7.39
CA PHE C 127 1.59 1.99 7.67
C PHE C 127 0.46 2.17 6.67
N ASN C 128 -0.78 2.18 7.16
CA ASN C 128 -1.94 2.39 6.32
C ASN C 128 -2.26 3.88 6.18
N ASN C 129 -2.25 4.34 4.94
CA ASN C 129 -2.54 5.72 4.61
C ASN C 129 -1.81 6.73 5.46
N PRO C 130 -0.47 6.63 5.51
CA PRO C 130 0.29 7.68 6.17
C PRO C 130 -0.04 9.05 5.59
N THR C 131 0.29 10.12 6.30
CA THR C 131 0.27 11.45 5.73
C THR C 131 1.29 11.48 4.63
N GLU C 132 1.13 12.43 3.72
CA GLU C 132 1.98 12.49 2.56
C GLU C 132 3.39 12.84 2.95
N ASP C 133 3.58 13.62 4.02
CA ASP C 133 4.95 13.99 4.41
C ASP C 133 5.67 12.73 4.94
N PHE C 134 4.99 11.95 5.79
CA PHE C 134 5.54 10.69 6.30
C PHE C 134 5.68 9.66 5.19
N ARG C 135 4.69 9.58 4.31
CA ARG C 135 4.79 8.69 3.17
C ARG C 135 6.05 8.98 2.34
N ARG C 136 6.29 10.25 2.02
CA ARG C 136 7.49 10.58 1.25
C ARG C 136 8.77 10.14 2.00
N LYS C 137 8.81 10.28 3.32
CA LYS C 137 9.99 9.80 4.06
C LYS C 137 10.14 8.30 3.97
N LEU C 138 9.05 7.60 4.24
CA LEU C 138 9.05 6.17 4.23
C LEU C 138 9.58 5.63 2.92
N LEU C 139 9.18 6.26 1.81
CA LEU C 139 9.51 5.70 0.52
C LEU C 139 10.89 6.08 0.04
N LYS C 140 11.56 7.01 0.72
CA LYS C 140 13.01 7.22 0.43
C LYS C 140 13.87 6.06 0.94
N ALA C 141 13.39 5.36 1.98
CA ALA C 141 14.15 4.24 2.58
C ALA C 141 14.10 2.94 1.76
N THR D 3 21.12 -26.56 27.63
CA THR D 3 21.03 -25.29 26.90
C THR D 3 22.41 -24.78 26.48
N LYS D 4 22.43 -23.91 25.47
CA LYS D 4 23.65 -23.23 25.03
C LYS D 4 23.79 -21.85 25.69
N GLN D 5 22.79 -21.47 26.48
CA GLN D 5 22.66 -20.11 26.98
C GLN D 5 23.22 -19.94 28.37
N THR D 6 23.73 -18.75 28.66
CA THR D 6 24.07 -18.37 30.02
C THR D 6 22.81 -18.16 30.83
N ALA D 7 22.99 -17.98 32.15
CA ALA D 7 21.94 -17.52 33.03
C ALA D 7 21.39 -16.19 32.54
N ARG D 8 20.21 -15.85 33.01
CA ARG D 8 19.57 -14.59 32.64
C ARG D 8 19.35 -13.71 33.86
OH ALY D 9 25.03 -8.35 32.41
CH ALY D 9 24.61 -7.41 33.12
CH3 ALY D 9 25.50 -6.32 33.63
NZ ALY D 9 23.29 -7.30 33.46
CE ALY D 9 22.30 -8.25 33.09
CD ALY D 9 21.60 -8.86 34.30
CG ALY D 9 20.54 -9.82 33.83
CB ALY D 9 20.00 -10.54 35.03
CA ALY D 9 18.86 -11.49 34.69
N ALY D 9 19.20 -12.43 33.63
C ALY D 9 17.61 -10.76 34.21
O ALY D 9 17.12 -10.91 33.08
HH31 ALY D 9 25.13 -5.33 33.24
HH32 ALY D 9 26.55 -6.47 33.28
HH33 ALY D 9 25.48 -6.28 34.74
HZ ALY D 9 23.01 -6.54 34.04
HE3 ALY D 9 22.78 -9.07 32.48
HE2 ALY D 9 21.53 -7.72 32.46
HD3 ALY D 9 21.14 -8.07 34.93
HD2 ALY D 9 22.34 -9.41 34.94
HG3 ALY D 9 20.97 -10.55 33.09
HG2 ALY D 9 19.72 -9.26 33.31
HB3 ALY D 9 19.61 -9.79 35.78
HB2 ALY D 9 20.82 -11.11 35.54
HA ALY D 9 18.59 -12.11 35.60
N SER D 10 17.00 -9.96 35.09
CA SER D 10 15.69 -9.36 34.75
C SER D 10 15.28 -8.23 35.67
N THR D 11 14.34 -7.40 35.21
C1 EDO E . -19.83 11.19 -15.91
O1 EDO E . -18.89 11.74 -14.96
C2 EDO E . -21.28 11.32 -15.46
O2 EDO E . -21.42 10.79 -14.13
H11 EDO E . -19.71 11.70 -16.87
H12 EDO E . -19.60 10.13 -16.07
HO1 EDO E . -17.99 11.63 -15.29
H21 EDO E . -21.59 12.37 -15.47
H22 EDO E . -21.94 10.77 -16.14
HO2 EDO E . -22.33 10.87 -13.83
C1 EDO F . 15.76 0.71 30.84
O1 EDO F . 14.91 0.07 31.79
C2 EDO F . 15.54 2.22 30.70
O2 EDO F . 14.25 2.54 30.15
H11 EDO F . 16.81 0.54 31.14
H12 EDO F . 15.62 0.24 29.86
HO1 EDO F . 15.12 -0.86 31.83
H21 EDO F . 16.32 2.63 30.05
H22 EDO F . 15.65 2.69 31.68
HO2 EDO F . 14.17 3.51 30.08
C1 EDO G . 9.75 -0.36 28.42
O1 EDO G . 10.48 0.50 29.31
C2 EDO G . 9.59 0.31 27.06
O2 EDO G . 8.55 1.32 27.11
H11 EDO G . 8.76 -0.57 28.84
H12 EDO G . 10.27 -1.30 28.30
HO1 EDO G . 10.58 0.07 30.17
H21 EDO G . 9.33 -0.43 26.30
H22 EDO G . 10.53 0.78 26.76
HO2 EDO G . 8.46 1.74 26.25
C1 EDO H . 26.26 -2.07 13.09
O1 EDO H . 25.03 -1.32 12.95
C2 EDO H . 26.01 -3.47 12.54
O2 EDO H . 25.02 -3.37 11.48
H11 EDO H . 26.55 -2.12 14.14
H12 EDO H . 27.06 -1.57 12.53
HO1 EDO H . 25.17 -0.42 13.29
H21 EDO H . 26.94 -3.89 12.15
H22 EDO H . 25.65 -4.13 13.33
HO2 EDO H . 24.85 -4.25 11.11
#